data_5HXP
#
_entry.id   5HXP
#
_cell.length_a   58.311
_cell.length_b   64.545
_cell.length_c   127.156
_cell.angle_alpha   90.00
_cell.angle_beta   90.00
_cell.angle_gamma   90.00
#
_symmetry.space_group_name_H-M   'P 21 21 21'
#
loop_
_entity.id
_entity.type
_entity.pdbx_description
1 polymer '(2Z,6Z)-farnesyl diphosphate synthase, chloroplastic'
2 non-polymer 'ISOPENTYL PYROPHOSPHATE'
3 non-polymer 'MAGNESIUM ION'
4 non-polymer 1,4,7,10,13,16-HEXAOXACYCLOOCTADECANE
5 water water
#
_entity_poly.entity_id   1
_entity_poly.type   'polypeptide(L)'
_entity_poly.pdbx_seq_one_letter_code
;MLDEALMPKHIALIMDGNRRWAKDKGLDVSEGYKHLFPKLKEICDISSKLGIQVITAFAFSTENWKRAKGEVDFLMQMFE
ELYDEFSRSGVRVSIIGCKTDLPMTLQKCIALTEETTKGNKGLHLVIALNYGGYYDILQATKSIVNKAMNGLLDVEDINK
NLFDQELESKCPNPDLLIRTGGDQRVSNFLLWQLAYTEFYFTKTLFPDFGEEDLKEAIINFQQRHRRFGGHTY
;
_entity_poly.pdbx_strand_id   A,C
#
loop_
_chem_comp.id
_chem_comp.type
_chem_comp.name
_chem_comp.formula
IPR non-polymer 'ISOPENTYL PYROPHOSPHATE' 'C5 H14 O7 P2'
MG non-polymer 'MAGNESIUM ION' 'Mg 2'
O4B non-polymer 1,4,7,10,13,16-HEXAOXACYCLOOCTADECANE 'C12 H24 O6'
#
# COMPACT_ATOMS: atom_id res chain seq x y z
N LEU A 2 -24.95 7.99 -8.79
CA LEU A 2 -24.58 6.59 -8.48
C LEU A 2 -25.00 5.72 -9.66
N ASP A 3 -24.03 5.05 -10.30
CA ASP A 3 -24.32 4.15 -11.42
C ASP A 3 -24.15 2.68 -11.00
N GLU A 4 -25.24 1.93 -11.05
CA GLU A 4 -25.26 0.52 -10.60
C GLU A 4 -24.29 -0.39 -11.34
N ALA A 5 -24.00 -0.06 -12.60
CA ALA A 5 -23.05 -0.84 -13.40
C ALA A 5 -21.58 -0.66 -12.96
N LEU A 6 -21.27 0.42 -12.26
CA LEU A 6 -19.88 0.74 -11.92
C LEU A 6 -19.58 0.50 -10.43
N MET A 7 -20.35 -0.37 -9.81
CA MET A 7 -20.27 -0.64 -8.37
C MET A 7 -19.01 -1.48 -8.08
N PRO A 8 -18.19 -1.06 -7.09
CA PRO A 8 -17.08 -1.96 -6.76
C PRO A 8 -17.59 -3.26 -6.15
N LYS A 9 -16.94 -4.36 -6.49
CA LYS A 9 -17.32 -5.64 -5.93
C LYS A 9 -16.77 -5.85 -4.50
N HIS A 10 -15.62 -5.27 -4.21
CA HIS A 10 -14.96 -5.48 -2.90
C HIS A 10 -14.56 -4.11 -2.35
N ILE A 11 -15.09 -3.76 -1.18
CA ILE A 11 -14.73 -2.55 -0.47
C ILE A 11 -13.97 -2.91 0.81
N ALA A 12 -12.83 -2.26 0.99
CA ALA A 12 -12.04 -2.37 2.22
C ALA A 12 -12.29 -1.12 3.06
N LEU A 13 -12.36 -1.30 4.37
CA LEU A 13 -12.82 -0.28 5.28
C LEU A 13 -11.83 -0.20 6.42
N ILE A 14 -11.25 0.98 6.64
CA ILE A 14 -10.49 1.22 7.86
C ILE A 14 -11.38 2.04 8.79
N MET A 15 -11.86 1.38 9.84
CA MET A 15 -12.94 1.86 10.70
C MET A 15 -12.37 2.69 11.84
N ASP A 16 -11.73 3.80 11.50
CA ASP A 16 -11.00 4.61 12.46
C ASP A 16 -11.87 5.74 12.99
N GLY A 17 -11.58 6.16 14.21
CA GLY A 17 -12.14 7.36 14.82
C GLY A 17 -13.13 7.10 15.95
N ASN A 18 -13.26 5.84 16.37
CA ASN A 18 -14.26 5.52 17.39
C ASN A 18 -13.91 6.11 18.75
N ARG A 19 -12.62 6.07 19.08
CA ARG A 19 -12.17 6.60 20.36
C ARG A 19 -12.33 8.10 20.40
N ARG A 20 -11.82 8.78 19.38
CA ARG A 20 -11.95 10.20 19.25
C ARG A 20 -13.40 10.66 19.24
N TRP A 21 -14.26 9.93 18.54
CA TRP A 21 -15.67 10.24 18.51
C TRP A 21 -16.23 10.40 19.93
N ALA A 22 -15.94 9.42 20.77
CA ALA A 22 -16.45 9.40 22.15
C ALA A 22 -15.78 10.50 23.00
N LYS A 23 -14.46 10.56 22.96
CA LYS A 23 -13.74 11.56 23.76
C LYS A 23 -14.16 12.99 23.39
N ASP A 24 -14.28 13.30 22.10
CA ASP A 24 -14.70 14.64 21.68
C ASP A 24 -16.11 14.97 22.15
N LYS A 25 -16.95 13.96 22.25
CA LYS A 25 -18.31 14.15 22.77
C LYS A 25 -18.39 14.22 24.28
N GLY A 26 -17.29 13.92 24.98
CA GLY A 26 -17.27 13.85 26.44
C GLY A 26 -17.90 12.56 26.95
N LEU A 27 -17.91 11.51 26.11
CA LEU A 27 -18.45 10.22 26.51
C LEU A 27 -17.30 9.33 26.89
N ASP A 28 -17.60 8.29 27.66
CA ASP A 28 -16.61 7.29 27.97
C ASP A 28 -16.16 6.62 26.66
N VAL A 29 -14.88 6.31 26.55
CA VAL A 29 -14.34 5.70 25.33
C VAL A 29 -15.07 4.40 24.97
N SER A 30 -15.62 3.69 25.95
CA SER A 30 -16.39 2.48 25.71
C SER A 30 -17.58 2.74 24.80
N GLU A 31 -18.16 3.93 24.93
CA GLU A 31 -19.30 4.31 24.09
C GLU A 31 -18.91 4.34 22.61
N GLY A 32 -17.69 4.76 22.29
CA GLY A 32 -17.22 4.74 20.91
C GLY A 32 -17.14 3.33 20.35
N TYR A 33 -16.59 2.42 21.15
CA TYR A 33 -16.42 1.04 20.74
C TYR A 33 -17.76 0.31 20.57
N LYS A 34 -18.73 0.61 21.41
CA LYS A 34 -20.05 -0.02 21.29
C LYS A 34 -20.74 0.32 19.96
N HIS A 35 -20.26 1.32 19.22
CA HIS A 35 -20.83 1.65 17.91
C HIS A 35 -20.21 0.83 16.77
N LEU A 36 -19.10 0.15 17.04
CA LEU A 36 -18.32 -0.45 15.97
C LEU A 36 -19.10 -1.49 15.20
N PHE A 37 -19.54 -2.56 15.88
CA PHE A 37 -20.23 -3.62 15.15
C PHE A 37 -21.63 -3.25 14.64
N PRO A 38 -22.44 -2.54 15.43
CA PRO A 38 -23.72 -2.04 14.93
C PRO A 38 -23.59 -1.22 13.66
N LYS A 39 -22.59 -0.35 13.63
CA LYS A 39 -22.35 0.47 12.43
C LYS A 39 -21.89 -0.41 11.25
N LEU A 40 -21.01 -1.37 11.53
CA LEU A 40 -20.53 -2.27 10.48
C LEU A 40 -21.66 -3.09 9.87
N LYS A 41 -22.57 -3.59 10.72
CA LYS A 41 -23.76 -4.32 10.28
C LYS A 41 -24.64 -3.45 9.36
N GLU A 42 -24.86 -2.19 9.74
CA GLU A 42 -25.61 -1.23 8.89
C GLU A 42 -24.94 -1.04 7.54
N ILE A 43 -23.61 -0.89 7.55
CA ILE A 43 -22.87 -0.74 6.31
C ILE A 43 -22.98 -1.99 5.41
N CYS A 44 -22.91 -3.16 6.02
CA CYS A 44 -23.17 -4.42 5.29
C CYS A 44 -24.57 -4.46 4.64
N ASP A 45 -25.58 -4.09 5.40
CA ASP A 45 -26.98 -4.00 4.91
C ASP A 45 -27.10 -3.09 3.70
N ILE A 46 -26.57 -1.88 3.80
CA ILE A 46 -26.58 -0.92 2.69
C ILE A 46 -25.82 -1.46 1.47
N SER A 47 -24.60 -1.94 1.72
CA SER A 47 -23.75 -2.46 0.68
C SER A 47 -24.36 -3.63 -0.08
N SER A 48 -24.97 -4.52 0.66
CA SER A 48 -25.58 -5.70 0.06
C SER A 48 -26.72 -5.28 -0.89
N LYS A 49 -27.52 -4.29 -0.49
CA LYS A 49 -28.55 -3.76 -1.38
C LYS A 49 -27.95 -3.20 -2.65
N LEU A 50 -26.80 -2.55 -2.53
CA LEU A 50 -26.13 -1.98 -3.70
C LEU A 50 -25.43 -3.00 -4.60
N GLY A 51 -25.34 -4.26 -4.18
CA GLY A 51 -24.71 -5.30 -4.99
C GLY A 51 -23.23 -5.48 -4.73
N ILE A 52 -22.72 -4.87 -3.66
CA ILE A 52 -21.34 -5.11 -3.23
C ILE A 52 -21.22 -6.55 -2.72
N GLN A 53 -20.19 -7.26 -3.15
CA GLN A 53 -20.03 -8.70 -2.84
C GLN A 53 -19.17 -8.98 -1.61
N VAL A 54 -18.17 -8.14 -1.37
CA VAL A 54 -17.23 -8.35 -0.26
C VAL A 54 -16.95 -7.04 0.48
N ILE A 55 -16.87 -7.13 1.81
CA ILE A 55 -16.32 -6.05 2.64
C ILE A 55 -15.22 -6.61 3.54
N THR A 56 -14.01 -6.04 3.47
CA THR A 56 -12.95 -6.39 4.41
C THR A 56 -12.75 -5.17 5.32
N ALA A 57 -12.99 -5.34 6.61
CA ALA A 57 -13.08 -4.24 7.56
C ALA A 57 -12.03 -4.36 8.65
N PHE A 58 -11.22 -3.30 8.82
CA PHE A 58 -10.14 -3.28 9.82
C PHE A 58 -10.72 -2.86 11.17
N ALA A 59 -10.84 -3.83 12.08
CA ALA A 59 -11.40 -3.63 13.41
C ALA A 59 -10.35 -3.45 14.50
N PHE A 60 -9.25 -4.21 14.43
CA PHE A 60 -8.17 -4.13 15.43
C PHE A 60 -6.86 -4.53 14.77
N SER A 61 -5.89 -3.63 14.69
CA SER A 61 -4.57 -4.00 14.16
C SER A 61 -3.69 -4.76 15.18
N THR A 62 -2.65 -5.43 14.68
CA THR A 62 -1.62 -6.06 15.54
C THR A 62 -0.77 -5.07 16.35
N GLU A 63 -0.83 -3.78 16.02
CA GLU A 63 -0.15 -2.73 16.78
C GLU A 63 -1.03 -2.09 17.85
N ASN A 64 -2.34 -2.34 17.85
CA ASN A 64 -3.21 -1.67 18.84
C ASN A 64 -2.92 -2.26 20.22
N GLU A 71 -6.41 -1.16 27.33
CA GLU A 71 -7.67 -0.43 27.36
C GLU A 71 -8.98 -1.23 27.31
N VAL A 72 -9.29 -2.09 26.32
CA VAL A 72 -8.46 -3.06 25.56
C VAL A 72 -8.83 -4.43 26.15
N ASP A 73 -8.96 -4.49 27.47
CA ASP A 73 -9.74 -5.54 28.13
C ASP A 73 -11.20 -5.44 27.69
N PHE A 74 -11.70 -4.21 27.57
CA PHE A 74 -13.06 -3.95 27.10
C PHE A 74 -13.27 -4.42 25.65
N LEU A 75 -12.31 -4.09 24.79
CA LEU A 75 -12.42 -4.42 23.37
C LEU A 75 -12.47 -5.93 23.19
N MET A 76 -11.60 -6.65 23.88
CA MET A 76 -11.53 -8.10 23.68
C MET A 76 -12.82 -8.79 24.12
N GLN A 77 -13.48 -8.23 25.12
CA GLN A 77 -14.81 -8.73 25.53
C GLN A 77 -15.89 -8.30 24.54
N MET A 78 -15.89 -7.03 24.16
CA MET A 78 -16.89 -6.52 23.21
C MET A 78 -16.88 -7.31 21.90
N PHE A 79 -15.67 -7.69 21.45
CA PHE A 79 -15.50 -8.43 20.18
C PHE A 79 -16.23 -9.79 20.16
N GLU A 80 -16.69 -10.24 21.34
CA GLU A 80 -17.56 -11.42 21.44
C GLU A 80 -18.98 -11.17 20.87
N GLU A 81 -19.50 -9.95 20.98
CA GLU A 81 -20.84 -9.63 20.42
C GLU A 81 -20.89 -9.52 18.88
N LEU A 82 -19.88 -10.06 18.20
CA LEU A 82 -19.99 -10.34 16.78
C LEU A 82 -21.16 -11.30 16.53
N TYR A 83 -21.23 -12.31 17.40
CA TYR A 83 -22.17 -13.41 17.23
C TYR A 83 -23.61 -12.93 17.08
N ASP A 84 -24.08 -12.15 18.05
CA ASP A 84 -25.47 -11.68 18.03
C ASP A 84 -25.78 -10.70 16.90
N GLU A 85 -24.80 -9.88 16.50
CA GLU A 85 -25.01 -8.99 15.35
C GLU A 85 -25.16 -9.78 14.05
N PHE A 86 -24.35 -10.81 13.85
CA PHE A 86 -24.20 -11.45 12.53
C PHE A 86 -24.75 -12.87 12.36
N SER A 87 -24.86 -13.65 13.44
CA SER A 87 -25.16 -15.09 13.32
C SER A 87 -26.46 -15.40 12.57
N ARG A 88 -27.47 -14.55 12.73
CA ARG A 88 -28.77 -14.73 12.09
C ARG A 88 -29.02 -13.62 11.06
N SER A 89 -27.98 -13.22 10.32
CA SER A 89 -28.03 -11.99 9.51
C SER A 89 -27.96 -12.15 8.00
N GLY A 90 -27.69 -13.36 7.52
CA GLY A 90 -27.51 -13.60 6.09
C GLY A 90 -26.12 -13.27 5.55
N VAL A 91 -25.29 -12.66 6.39
CA VAL A 91 -23.92 -12.32 6.01
C VAL A 91 -23.00 -13.50 6.33
N ARG A 92 -22.15 -13.87 5.38
CA ARG A 92 -21.08 -14.83 5.63
C ARG A 92 -19.90 -14.11 6.26
N VAL A 93 -19.50 -14.51 7.46
CA VAL A 93 -18.46 -13.79 8.20
C VAL A 93 -17.18 -14.62 8.33
N SER A 94 -16.05 -14.02 7.95
CA SER A 94 -14.71 -14.60 8.16
C SER A 94 -13.88 -13.63 9.00
N ILE A 95 -13.03 -14.16 9.87
CA ILE A 95 -12.13 -13.33 10.66
C ILE A 95 -10.70 -13.66 10.27
N ILE A 96 -9.92 -12.61 10.01
CA ILE A 96 -8.51 -12.79 9.67
C ILE A 96 -7.66 -12.05 10.70
N GLY A 97 -6.45 -12.54 10.89
CA GLY A 97 -5.58 -12.06 11.95
C GLY A 97 -5.01 -13.17 12.81
N CYS A 98 -4.22 -12.76 13.80
CA CYS A 98 -3.53 -13.68 14.69
C CYS A 98 -4.53 -14.15 15.76
N LYS A 99 -5.27 -15.20 15.46
CA LYS A 99 -6.34 -15.67 16.36
C LYS A 99 -5.80 -16.28 17.67
N THR A 100 -4.65 -16.94 17.60
CA THR A 100 -4.06 -17.61 18.78
C THR A 100 -3.62 -16.64 19.88
N ASP A 101 -3.43 -15.37 19.56
CA ASP A 101 -3.08 -14.36 20.57
C ASP A 101 -4.28 -13.91 21.37
N LEU A 102 -5.49 -14.26 20.92
CA LEU A 102 -6.68 -13.74 21.55
C LEU A 102 -7.03 -14.55 22.78
N PRO A 103 -7.74 -13.95 23.74
CA PRO A 103 -8.29 -14.74 24.84
C PRO A 103 -9.09 -15.93 24.30
N MET A 104 -8.89 -17.09 24.91
CA MET A 104 -9.46 -18.35 24.39
C MET A 104 -10.97 -18.29 24.17
N THR A 105 -11.67 -17.50 24.98
CA THR A 105 -13.12 -17.38 24.84
C THR A 105 -13.52 -16.51 23.64
N LEU A 106 -12.73 -15.48 23.32
CA LEU A 106 -12.95 -14.73 22.06
C LEU A 106 -12.69 -15.65 20.86
N GLN A 107 -11.65 -16.48 20.96
CA GLN A 107 -11.33 -17.44 19.89
C GLN A 107 -12.52 -18.31 19.55
N LYS A 108 -13.17 -18.83 20.60
CA LYS A 108 -14.36 -19.67 20.43
C LYS A 108 -15.52 -18.89 19.84
N CYS A 109 -15.76 -17.68 20.33
CA CYS A 109 -16.80 -16.81 19.78
C CYS A 109 -16.62 -16.53 18.28
N ILE A 110 -15.38 -16.25 17.88
CA ILE A 110 -15.02 -16.02 16.48
C ILE A 110 -15.31 -17.26 15.64
N ALA A 111 -14.82 -18.40 16.08
CA ALA A 111 -15.06 -19.67 15.38
C ALA A 111 -16.57 -19.94 15.23
N LEU A 112 -17.33 -19.71 16.30
CA LEU A 112 -18.80 -19.89 16.30
C LEU A 112 -19.47 -19.02 15.22
N THR A 113 -19.12 -17.73 15.24
CA THR A 113 -19.59 -16.79 14.23
C THR A 113 -19.26 -17.26 12.81
N GLU A 114 -18.02 -17.72 12.61
CA GLU A 114 -17.59 -18.23 11.31
C GLU A 114 -18.33 -19.50 10.90
N GLU A 115 -18.42 -20.47 11.82
CA GLU A 115 -19.12 -21.74 11.54
C GLU A 115 -20.60 -21.53 11.20
N THR A 116 -21.30 -20.74 12.02
CA THR A 116 -22.74 -20.54 11.85
C THR A 116 -23.13 -19.76 10.60
N THR A 117 -22.21 -18.96 10.06
CA THR A 117 -22.52 -18.15 8.87
C THR A 117 -21.87 -18.65 7.58
N LYS A 118 -21.09 -19.72 7.65
CA LYS A 118 -20.33 -20.18 6.49
C LYS A 118 -21.19 -20.59 5.30
N GLY A 119 -22.43 -20.99 5.57
CA GLY A 119 -23.36 -21.35 4.51
C GLY A 119 -24.05 -20.18 3.83
N ASN A 120 -23.93 -18.98 4.40
CA ASN A 120 -24.61 -17.82 3.86
C ASN A 120 -24.09 -17.42 2.49
N LYS A 121 -25.01 -17.10 1.59
CA LYS A 121 -24.66 -16.84 0.20
C LYS A 121 -24.73 -15.36 -0.14
N GLY A 122 -24.99 -14.52 0.86
CA GLY A 122 -25.01 -13.08 0.62
C GLY A 122 -23.62 -12.48 0.70
N LEU A 123 -23.56 -11.25 1.19
CA LEU A 123 -22.30 -10.52 1.24
C LEU A 123 -21.31 -11.24 2.13
N HIS A 124 -20.05 -11.22 1.73
CA HIS A 124 -18.96 -11.81 2.50
C HIS A 124 -18.24 -10.70 3.30
N LEU A 125 -18.38 -10.72 4.62
CA LEU A 125 -17.72 -9.77 5.51
C LEU A 125 -16.47 -10.41 6.12
N VAL A 126 -15.34 -9.77 5.87
CA VAL A 126 -14.06 -10.27 6.38
C VAL A 126 -13.59 -9.27 7.41
N ILE A 127 -13.54 -9.68 8.67
CA ILE A 127 -13.19 -8.78 9.77
C ILE A 127 -11.73 -9.03 10.11
N ALA A 128 -10.92 -7.98 10.05
CA ALA A 128 -9.51 -8.07 10.35
C ALA A 128 -9.32 -7.64 11.79
N LEU A 129 -8.98 -8.61 12.63
CA LEU A 129 -8.97 -8.47 14.09
C LEU A 129 -7.62 -8.98 14.57
N ASN A 130 -6.81 -8.14 15.19
CA ASN A 130 -5.41 -8.48 15.46
C ASN A 130 -4.68 -8.88 14.19
N TYR A 131 -4.93 -8.08 13.16
CA TYR A 131 -4.39 -8.33 11.85
C TYR A 131 -3.35 -7.25 11.54
N GLY A 132 -2.35 -7.64 10.77
CA GLY A 132 -1.42 -6.71 10.14
C GLY A 132 -0.94 -7.22 8.81
N GLY A 133 -0.80 -6.34 7.82
CA GLY A 133 -0.21 -6.70 6.55
C GLY A 133 1.13 -7.43 6.68
N TYR A 134 2.00 -6.94 7.57
CA TYR A 134 3.30 -7.58 7.74
C TYR A 134 3.12 -9.04 8.14
N TYR A 135 2.20 -9.26 9.05
CA TYR A 135 2.00 -10.57 9.62
C TYR A 135 1.35 -11.52 8.59
N ASP A 136 0.47 -10.99 7.74
CA ASP A 136 -0.12 -11.80 6.65
C ASP A 136 0.96 -12.27 5.67
N ILE A 137 1.80 -11.34 5.23
CA ILE A 137 2.94 -11.63 4.36
C ILE A 137 3.91 -12.62 5.03
N LEU A 138 4.21 -12.40 6.31
CA LEU A 138 5.14 -13.27 7.02
C LEU A 138 4.60 -14.70 7.20
N GLN A 139 3.32 -14.85 7.49
CA GLN A 139 2.75 -16.19 7.68
C GLN A 139 2.74 -16.92 6.33
N ALA A 140 2.49 -16.19 5.25
CA ALA A 140 2.53 -16.79 3.92
C ALA A 140 3.95 -17.24 3.59
N THR A 141 4.94 -16.38 3.85
CA THR A 141 6.34 -16.69 3.60
C THR A 141 6.76 -17.98 4.35
N LYS A 142 6.36 -18.07 5.61
CA LYS A 142 6.63 -19.24 6.43
C LYS A 142 5.98 -20.51 5.87
N SER A 143 4.72 -20.38 5.45
CA SER A 143 4.02 -21.48 4.81
C SER A 143 4.80 -21.95 3.55
N ILE A 144 5.24 -21.00 2.73
CA ILE A 144 6.01 -21.31 1.53
C ILE A 144 7.33 -22.01 1.89
N VAL A 145 8.02 -21.49 2.91
CA VAL A 145 9.29 -22.07 3.35
C VAL A 145 9.08 -23.50 3.87
N ASN A 146 8.04 -23.74 4.66
CA ASN A 146 7.79 -25.10 5.20
C ASN A 146 7.52 -26.08 4.04
N LYS A 147 6.75 -25.62 3.06
CA LYS A 147 6.46 -26.42 1.88
C LYS A 147 7.73 -26.73 1.10
N ALA A 148 8.58 -25.73 0.90
CA ALA A 148 9.86 -25.92 0.23
C ALA A 148 10.79 -26.86 1.02
N MET A 149 10.76 -26.75 2.34
CA MET A 149 11.53 -27.62 3.23
C MET A 149 11.07 -29.08 3.14
N ASN A 150 9.77 -29.28 2.97
CA ASN A 150 9.18 -30.60 2.84
C ASN A 150 9.16 -31.11 1.39
N GLY A 151 9.87 -30.43 0.49
CA GLY A 151 9.92 -30.81 -0.92
C GLY A 151 8.60 -30.74 -1.68
N LEU A 152 7.72 -29.83 -1.25
CA LEU A 152 6.39 -29.71 -1.85
C LEU A 152 6.31 -28.60 -2.87
N LEU A 153 7.36 -27.80 -2.97
CA LEU A 153 7.52 -26.83 -4.06
C LEU A 153 8.98 -26.41 -4.18
N ASP A 154 9.29 -25.72 -5.27
CA ASP A 154 10.63 -25.21 -5.51
C ASP A 154 10.61 -23.69 -5.50
N VAL A 155 11.78 -23.07 -5.38
CA VAL A 155 11.89 -21.62 -5.46
C VAL A 155 11.26 -21.12 -6.78
N GLU A 156 11.46 -21.90 -7.84
CA GLU A 156 10.86 -21.65 -9.17
C GLU A 156 9.34 -21.48 -9.18
N ASP A 157 8.67 -22.09 -8.22
CA ASP A 157 7.21 -21.99 -8.09
C ASP A 157 6.74 -20.73 -7.35
N ILE A 158 7.66 -19.90 -6.87
CA ILE A 158 7.28 -18.77 -6.02
C ILE A 158 6.97 -17.57 -6.88
N ASN A 159 5.68 -17.36 -7.12
CA ASN A 159 5.26 -16.31 -8.01
C ASN A 159 4.07 -15.59 -7.40
N LYS A 160 3.55 -14.60 -8.10
CA LYS A 160 2.48 -13.78 -7.55
C LYS A 160 1.23 -14.59 -7.20
N ASN A 161 0.89 -15.55 -8.05
CA ASN A 161 -0.32 -16.36 -7.84
C ASN A 161 -0.22 -17.28 -6.64
N LEU A 162 0.95 -17.88 -6.45
CA LEU A 162 1.22 -18.69 -5.27
C LEU A 162 0.98 -17.85 -4.02
N PHE A 163 1.58 -16.68 -4.01
CA PHE A 163 1.49 -15.81 -2.88
C PHE A 163 0.04 -15.39 -2.64
N ASP A 164 -0.69 -15.07 -3.71
CA ASP A 164 -2.13 -14.76 -3.60
C ASP A 164 -2.91 -15.85 -2.83
N GLN A 165 -2.57 -17.11 -3.08
CA GLN A 165 -3.22 -18.24 -2.42
C GLN A 165 -2.81 -18.50 -0.96
N GLU A 166 -1.60 -18.10 -0.58
CA GLU A 166 -1.13 -18.30 0.82
C GLU A 166 -1.54 -17.18 1.79
N LEU A 167 -1.95 -16.02 1.26
CA LEU A 167 -2.33 -14.88 2.10
C LEU A 167 -3.73 -15.12 2.69
N GLU A 168 -4.03 -14.48 3.83
CA GLU A 168 -5.32 -14.67 4.49
C GLU A 168 -6.44 -13.91 3.80
N SER A 169 -6.17 -12.69 3.36
CA SER A 169 -7.13 -11.94 2.53
C SER A 169 -6.91 -12.30 1.06
N LYS A 170 -7.92 -12.93 0.47
CA LYS A 170 -7.83 -13.56 -0.85
C LYS A 170 -8.34 -12.68 -2.00
N CYS A 171 -7.90 -13.01 -3.21
CA CYS A 171 -8.50 -12.44 -4.41
C CYS A 171 -10.00 -12.78 -4.47
N PRO A 172 -10.81 -11.90 -5.06
CA PRO A 172 -10.49 -10.60 -5.65
C PRO A 172 -10.10 -9.55 -4.59
N ASN A 173 -9.09 -8.76 -4.91
CA ASN A 173 -8.66 -7.70 -3.99
C ASN A 173 -9.61 -6.51 -3.96
N PRO A 174 -9.50 -5.66 -2.92
CA PRO A 174 -10.36 -4.48 -2.88
C PRO A 174 -10.21 -3.56 -4.10
N ASP A 175 -11.35 -3.16 -4.64
CA ASP A 175 -11.41 -2.10 -5.64
C ASP A 175 -11.31 -0.73 -5.00
N LEU A 176 -11.94 -0.58 -3.84
CA LEU A 176 -11.99 0.70 -3.15
C LEU A 176 -11.66 0.50 -1.65
N LEU A 177 -10.87 1.43 -1.11
CA LEU A 177 -10.60 1.47 0.32
C LEU A 177 -11.11 2.78 0.85
N ILE A 178 -11.94 2.70 1.88
CA ILE A 178 -12.46 3.87 2.55
C ILE A 178 -11.85 3.92 3.92
N ARG A 179 -11.20 5.03 4.25
CA ARG A 179 -10.74 5.24 5.62
C ARG A 179 -11.37 6.48 6.25
N THR A 180 -12.01 6.27 7.38
CA THR A 180 -12.67 7.30 8.16
C THR A 180 -11.65 7.86 9.15
N GLY A 181 -11.93 9.03 9.70
CA GLY A 181 -11.09 9.62 10.73
C GLY A 181 -10.11 10.69 10.30
N GLY A 182 -9.86 10.84 9.01
CA GLY A 182 -9.06 11.95 8.52
C GLY A 182 -7.60 11.68 8.21
N ASP A 183 -6.99 10.59 8.71
CA ASP A 183 -5.59 10.32 8.37
C ASP A 183 -5.46 9.59 7.02
N GLN A 184 -4.40 9.90 6.28
CA GLN A 184 -4.16 9.31 4.96
C GLN A 184 -2.97 8.35 5.06
N ARG A 185 -3.26 7.16 5.55
CA ARG A 185 -2.31 6.05 5.64
C ARG A 185 -3.09 4.74 5.69
N VAL A 186 -2.41 3.64 5.40
CA VAL A 186 -3.03 2.30 5.46
C VAL A 186 -2.82 1.61 6.81
N SER A 187 -1.88 2.10 7.61
CA SER A 187 -1.65 1.60 8.96
C SER A 187 -1.52 0.07 9.04
N ASN A 188 -0.73 -0.51 8.16
CA ASN A 188 -0.45 -1.96 8.20
C ASN A 188 -1.70 -2.83 8.05
N PHE A 189 -2.63 -2.40 7.18
CA PHE A 189 -3.81 -3.19 6.80
C PHE A 189 -3.35 -4.11 5.67
N LEU A 190 -4.14 -4.27 4.62
CA LEU A 190 -3.89 -5.22 3.53
C LEU A 190 -2.84 -4.80 2.49
N LEU A 191 -1.58 -4.86 2.85
CA LEU A 191 -0.50 -4.26 2.05
C LEU A 191 -0.39 -4.83 0.61
N TRP A 192 -0.22 -6.13 0.52
CA TRP A 192 -0.11 -6.80 -0.78
C TRP A 192 -1.41 -6.62 -1.56
N GLN A 193 -2.53 -6.76 -0.86
CA GLN A 193 -3.84 -6.72 -1.51
C GLN A 193 -4.29 -5.35 -2.00
N LEU A 194 -3.60 -4.29 -1.58
CA LEU A 194 -3.99 -2.94 -1.91
C LEU A 194 -3.19 -2.35 -3.09
N ALA A 195 -2.43 -3.18 -3.79
CA ALA A 195 -1.46 -2.70 -4.78
C ALA A 195 -2.06 -1.73 -5.82
N TYR A 196 -3.31 -1.99 -6.23
CA TYR A 196 -3.97 -1.16 -7.24
C TYR A 196 -5.36 -0.67 -6.82
N THR A 197 -5.63 -0.78 -5.52
CA THR A 197 -6.85 -0.27 -4.94
C THR A 197 -6.95 1.26 -4.99
N GLU A 198 -8.14 1.77 -5.31
CA GLU A 198 -8.43 3.20 -5.19
C GLU A 198 -8.65 3.55 -3.71
N PHE A 199 -8.02 4.64 -3.26
CA PHE A 199 -8.14 5.10 -1.88
C PHE A 199 -9.10 6.27 -1.75
N TYR A 200 -9.95 6.22 -0.73
CA TYR A 200 -10.84 7.33 -0.40
C TYR A 200 -10.74 7.67 1.09
N PHE A 201 -10.39 8.92 1.40
CA PHE A 201 -10.17 9.36 2.78
C PHE A 201 -11.23 10.36 3.15
N THR A 202 -11.78 10.21 4.34
CA THR A 202 -12.76 11.18 4.83
C THR A 202 -12.47 11.56 6.28
N LYS A 203 -12.75 12.81 6.60
CA LYS A 203 -12.61 13.31 7.98
C LYS A 203 -13.70 12.77 8.90
N THR A 204 -14.81 12.35 8.32
CA THR A 204 -15.92 11.80 9.09
C THR A 204 -15.45 10.61 9.93
N LEU A 205 -15.82 10.61 11.21
CA LEU A 205 -15.42 9.56 12.15
C LEU A 205 -16.35 8.36 11.96
N PHE A 206 -15.85 7.16 12.22
CA PHE A 206 -16.62 5.94 11.87
C PHE A 206 -18.04 5.91 12.46
N PRO A 207 -18.23 6.28 13.74
CA PRO A 207 -19.61 6.31 14.27
C PRO A 207 -20.57 7.24 13.55
N ASP A 208 -20.05 8.27 12.88
CA ASP A 208 -20.88 9.23 12.16
C ASP A 208 -21.06 8.89 10.67
N PHE A 209 -20.46 7.78 10.23
CA PHE A 209 -20.38 7.46 8.82
C PHE A 209 -21.66 6.75 8.42
N GLY A 210 -22.47 7.41 7.61
CA GLY A 210 -23.78 6.90 7.24
C GLY A 210 -23.92 6.49 5.78
N GLU A 211 -25.14 6.15 5.41
CA GLU A 211 -25.47 5.75 4.06
C GLU A 211 -25.09 6.80 3.03
N GLU A 212 -25.37 8.07 3.31
CA GLU A 212 -25.00 9.12 2.35
C GLU A 212 -23.48 9.29 2.23
N ASP A 213 -22.76 9.02 3.32
CA ASP A 213 -21.29 9.05 3.29
C ASP A 213 -20.73 7.91 2.48
N LEU A 214 -21.35 6.73 2.60
CA LEU A 214 -20.96 5.55 1.85
C LEU A 214 -21.21 5.78 0.37
N LYS A 215 -22.42 6.25 0.05
CA LYS A 215 -22.79 6.56 -1.32
C LYS A 215 -21.85 7.58 -1.92
N GLU A 216 -21.53 8.63 -1.16
CA GLU A 216 -20.61 9.68 -1.62
C GLU A 216 -19.23 9.09 -1.96
N ALA A 217 -18.74 8.16 -1.15
CA ALA A 217 -17.45 7.48 -1.43
C ALA A 217 -17.48 6.65 -2.72
N ILE A 218 -18.56 5.93 -2.92
CA ILE A 218 -18.72 5.10 -4.11
C ILE A 218 -18.83 5.96 -5.38
N ILE A 219 -19.56 7.07 -5.30
CA ILE A 219 -19.68 7.98 -6.44
C ILE A 219 -18.31 8.55 -6.82
N ASN A 220 -17.55 8.97 -5.82
CA ASN A 220 -16.22 9.44 -6.05
C ASN A 220 -15.36 8.38 -6.74
N PHE A 221 -15.45 7.13 -6.28
CA PHE A 221 -14.75 6.00 -6.90
C PHE A 221 -15.10 5.86 -8.39
N GLN A 222 -16.38 5.90 -8.69
CA GLN A 222 -16.87 5.74 -10.07
C GLN A 222 -16.34 6.81 -11.03
N GLN A 223 -16.04 7.99 -10.51
CA GLN A 223 -15.48 9.07 -11.34
C GLN A 223 -14.00 8.86 -11.74
N ARG A 224 -13.31 7.94 -11.07
CA ARG A 224 -11.87 7.79 -11.28
C ARG A 224 -11.51 6.83 -12.39
N HIS A 225 -10.44 7.16 -13.11
CA HIS A 225 -9.91 6.35 -14.22
C HIS A 225 -8.80 5.42 -13.72
N ARG A 226 -9.07 4.12 -13.76
CA ARG A 226 -8.13 3.10 -13.31
C ARG A 226 -7.34 2.56 -14.50
N ARG A 227 -6.01 2.69 -14.46
CA ARG A 227 -5.15 2.38 -15.62
C ARG A 227 -4.23 1.16 -15.45
N PHE A 228 -3.92 0.77 -14.21
CA PHE A 228 -3.14 -0.45 -13.92
C PHE A 228 -1.78 -0.53 -14.64
N GLY A 229 -1.13 0.63 -14.80
CA GLY A 229 0.18 0.70 -15.45
C GLY A 229 0.15 0.86 -16.96
N GLY A 230 -1.05 0.83 -17.55
CA GLY A 230 -1.23 0.88 -19.01
C GLY A 230 -1.96 2.11 -19.48
N HIS A 231 -2.73 1.96 -20.57
CA HIS A 231 -3.41 3.09 -21.24
C HIS A 231 -2.39 4.01 -21.93
N LEU B 2 3.33 27.33 9.69
CA LEU B 2 3.07 25.87 9.81
C LEU B 2 4.37 25.07 9.86
N ASP B 3 5.17 25.17 8.80
CA ASP B 3 6.37 24.34 8.64
C ASP B 3 7.33 24.49 9.82
N GLU B 4 7.58 23.39 10.52
CA GLU B 4 8.64 23.32 11.50
C GLU B 4 9.87 22.82 10.76
N ALA B 5 11.05 23.33 11.11
CA ALA B 5 12.28 22.87 10.46
C ALA B 5 12.70 21.45 10.90
N LEU B 6 11.72 20.55 11.11
CA LEU B 6 12.00 19.13 11.42
C LEU B 6 11.32 18.14 10.45
N MET B 7 12.18 17.44 9.73
CA MET B 7 11.88 16.96 8.41
C MET B 7 11.79 15.45 8.35
N PRO B 8 11.05 14.93 7.36
CA PRO B 8 11.11 13.49 7.11
C PRO B 8 12.49 13.07 6.61
N LYS B 9 12.95 11.89 7.03
CA LYS B 9 14.21 11.35 6.55
C LYS B 9 14.06 10.86 5.10
N HIS B 10 12.89 10.32 4.78
CA HIS B 10 12.71 9.56 3.55
C HIS B 10 11.38 9.90 2.91
N ILE B 11 11.43 10.45 1.71
CA ILE B 11 10.25 10.71 0.95
C ILE B 11 10.18 9.74 -0.23
N ALA B 12 9.01 9.16 -0.47
CA ALA B 12 8.78 8.34 -1.64
C ALA B 12 7.96 9.12 -2.63
N LEU B 13 8.26 8.94 -3.90
CA LEU B 13 7.73 9.81 -4.92
C LEU B 13 7.24 8.96 -6.09
N ILE B 14 5.96 9.08 -6.43
CA ILE B 14 5.40 8.44 -7.62
C ILE B 14 5.28 9.55 -8.66
N MET B 15 6.17 9.47 -9.65
CA MET B 15 6.40 10.56 -10.62
C MET B 15 5.42 10.50 -11.79
N ASP B 16 4.17 10.86 -11.52
CA ASP B 16 3.08 10.54 -12.42
C ASP B 16 2.50 11.79 -13.12
N GLY B 17 1.85 11.58 -14.26
CA GLY B 17 1.15 12.64 -15.00
C GLY B 17 1.89 13.23 -16.20
N ASN B 18 3.03 12.65 -16.55
CA ASN B 18 3.89 13.16 -17.64
C ASN B 18 3.23 13.14 -19.02
N ARG B 19 2.54 12.04 -19.33
CA ARG B 19 1.88 11.91 -20.62
C ARG B 19 0.74 12.93 -20.78
N ARG B 20 -0.05 13.08 -19.72
CA ARG B 20 -1.13 14.07 -19.68
C ARG B 20 -0.62 15.51 -19.74
N TRP B 21 0.53 15.76 -19.12
CA TRP B 21 1.13 17.08 -19.20
C TRP B 21 1.42 17.46 -20.66
N ALA B 22 2.02 16.52 -21.39
CA ALA B 22 2.39 16.73 -22.78
C ALA B 22 1.15 16.93 -23.68
N LYS B 23 0.16 16.06 -23.50
CA LYS B 23 -1.04 16.11 -24.33
C LYS B 23 -1.92 17.33 -24.03
N ASP B 24 -1.84 17.85 -22.80
CA ASP B 24 -2.48 19.13 -22.49
C ASP B 24 -1.83 20.29 -23.27
N LYS B 25 -0.57 20.12 -23.67
CA LYS B 25 0.15 21.14 -24.45
C LYS B 25 0.26 20.79 -25.95
N GLY B 26 -0.52 19.80 -26.39
CA GLY B 26 -0.54 19.36 -27.77
C GLY B 26 0.78 18.83 -28.26
N LEU B 27 1.50 18.11 -27.39
CA LEU B 27 2.82 17.57 -27.72
C LEU B 27 2.81 16.05 -27.73
N ASP B 28 3.83 15.47 -28.33
CA ASP B 28 4.04 14.04 -28.26
C ASP B 28 4.38 13.67 -26.80
N VAL B 29 3.98 12.48 -26.38
CA VAL B 29 4.27 12.00 -25.02
C VAL B 29 5.77 12.04 -24.68
N SER B 30 6.63 11.73 -25.65
CA SER B 30 8.07 11.80 -25.45
C SER B 30 8.49 13.11 -24.77
N GLU B 31 7.87 14.22 -25.17
CA GLU B 31 8.18 15.54 -24.57
C GLU B 31 7.87 15.59 -23.07
N GLY B 32 6.81 14.92 -22.65
CA GLY B 32 6.49 14.79 -21.23
C GLY B 32 7.59 14.03 -20.51
N TYR B 33 7.85 12.81 -20.96
CA TYR B 33 8.92 11.98 -20.38
C TYR B 33 10.28 12.68 -20.24
N LYS B 34 10.60 13.55 -21.19
CA LYS B 34 11.89 14.25 -21.19
C LYS B 34 12.08 15.16 -19.98
N HIS B 35 11.00 15.51 -19.29
CA HIS B 35 11.12 16.28 -18.07
C HIS B 35 11.38 15.40 -16.82
N LEU B 36 11.28 14.08 -16.96
CA LEU B 36 11.34 13.16 -15.81
C LEU B 36 12.60 13.34 -14.95
N PHE B 37 13.79 13.14 -15.54
CA PHE B 37 15.03 13.22 -14.77
C PHE B 37 15.47 14.63 -14.39
N PRO B 38 15.32 15.61 -15.31
CA PRO B 38 15.63 16.99 -14.89
C PRO B 38 14.77 17.42 -13.70
N LYS B 39 13.48 17.10 -13.73
CA LYS B 39 12.60 17.41 -12.59
C LYS B 39 13.02 16.66 -11.32
N LEU B 40 13.31 15.37 -11.45
CA LEU B 40 13.76 14.58 -10.29
C LEU B 40 15.02 15.22 -9.71
N LYS B 41 15.96 15.62 -10.57
CA LYS B 41 17.20 16.22 -10.06
C LYS B 41 16.91 17.52 -9.31
N GLU B 42 16.03 18.34 -9.86
CA GLU B 42 15.60 19.57 -9.19
C GLU B 42 15.01 19.27 -7.80
N ILE B 43 14.14 18.26 -7.71
CA ILE B 43 13.54 17.88 -6.42
C ILE B 43 14.59 17.43 -5.41
N CYS B 44 15.63 16.74 -5.87
CA CYS B 44 16.72 16.33 -4.99
C CYS B 44 17.47 17.54 -4.41
N ASP B 45 17.73 18.55 -5.25
CA ASP B 45 18.44 19.75 -4.79
C ASP B 45 17.67 20.47 -3.67
N ILE B 46 16.41 20.75 -3.93
CA ILE B 46 15.52 21.37 -2.94
C ILE B 46 15.49 20.56 -1.64
N SER B 47 15.27 19.24 -1.76
CA SER B 47 15.13 18.37 -0.60
C SER B 47 16.40 18.30 0.22
N SER B 48 17.53 18.32 -0.46
CA SER B 48 18.82 18.30 0.19
C SER B 48 19.05 19.57 1.03
N LYS B 49 18.66 20.72 0.50
CA LYS B 49 18.75 21.96 1.26
C LYS B 49 17.84 21.92 2.50
N LEU B 50 16.68 21.25 2.37
CA LEU B 50 15.78 21.08 3.51
C LEU B 50 16.26 20.07 4.55
N GLY B 51 17.19 19.19 4.16
CA GLY B 51 17.75 18.20 5.08
C GLY B 51 17.09 16.82 4.97
N ILE B 52 16.33 16.58 3.92
CA ILE B 52 15.79 15.25 3.62
C ILE B 52 16.97 14.31 3.23
N GLN B 53 16.97 13.08 3.73
CA GLN B 53 18.11 12.19 3.52
C GLN B 53 17.96 11.19 2.39
N VAL B 54 16.73 10.79 2.11
CA VAL B 54 16.45 9.76 1.12
C VAL B 54 15.22 10.14 0.30
N ILE B 55 15.31 9.96 -1.01
CA ILE B 55 14.15 10.00 -1.89
C ILE B 55 14.13 8.69 -2.66
N THR B 56 12.97 8.03 -2.67
CA THR B 56 12.80 6.86 -3.54
C THR B 56 11.75 7.23 -4.58
N ALA B 57 12.16 7.23 -5.85
CA ALA B 57 11.31 7.72 -6.94
C ALA B 57 10.93 6.60 -7.87
N PHE B 58 9.65 6.51 -8.21
CA PHE B 58 9.12 5.47 -9.08
C PHE B 58 9.24 5.95 -10.53
N ALA B 59 10.14 5.30 -11.29
CA ALA B 59 10.44 5.66 -12.69
C ALA B 59 9.83 4.68 -13.70
N PHE B 60 9.74 3.41 -13.35
CA PHE B 60 9.14 2.44 -14.26
C PHE B 60 8.69 1.21 -13.46
N SER B 61 7.41 0.86 -13.56
CA SER B 61 6.89 -0.31 -12.83
C SER B 61 6.98 -1.59 -13.65
N THR B 62 6.88 -2.72 -12.95
CA THR B 62 6.76 -4.00 -13.63
C THR B 62 5.51 -4.12 -14.51
N GLU B 63 4.52 -3.25 -14.32
CA GLU B 63 3.31 -3.26 -15.17
C GLU B 63 3.43 -2.34 -16.42
N ASN B 64 4.35 -1.39 -16.37
CA ASN B 64 4.51 -0.40 -17.46
C ASN B 64 4.97 -1.04 -18.79
N TRP B 65 5.45 -2.28 -18.74
CA TRP B 65 5.73 -3.07 -19.94
C TRP B 65 4.50 -3.25 -20.85
N LYS B 66 3.31 -3.10 -20.28
CA LYS B 66 2.03 -3.21 -21.01
C LYS B 66 1.78 -2.04 -21.99
N ARG B 67 2.51 -0.94 -21.85
CA ARG B 67 2.26 0.22 -22.69
C ARG B 67 2.70 -0.02 -24.14
N ALA B 68 2.36 0.93 -25.01
CA ALA B 68 2.77 0.86 -26.41
C ALA B 68 4.27 0.63 -26.57
N LYS B 69 4.63 -0.35 -27.41
CA LYS B 69 6.03 -0.69 -27.66
C LYS B 69 6.91 0.54 -27.97
N GLY B 70 6.36 1.49 -28.73
CA GLY B 70 7.06 2.72 -29.06
C GLY B 70 7.39 3.56 -27.84
N GLU B 71 6.46 3.63 -26.89
CA GLU B 71 6.70 4.38 -25.66
C GLU B 71 7.72 3.66 -24.76
N VAL B 72 7.57 2.35 -24.63
CA VAL B 72 8.48 1.53 -23.83
C VAL B 72 9.89 1.62 -24.40
N ASP B 73 10.00 1.55 -25.73
CA ASP B 73 11.30 1.76 -26.39
C ASP B 73 11.89 3.14 -26.13
N PHE B 74 11.08 4.19 -26.23
CA PHE B 74 11.57 5.54 -25.89
C PHE B 74 12.07 5.65 -24.45
N LEU B 75 11.27 5.14 -23.53
CA LEU B 75 11.65 5.17 -22.11
C LEU B 75 12.95 4.41 -21.84
N MET B 76 13.07 3.20 -22.37
CA MET B 76 14.25 2.38 -22.12
C MET B 76 15.52 3.06 -22.65
N GLN B 77 15.38 3.77 -23.77
CA GLN B 77 16.47 4.59 -24.31
C GLN B 77 16.75 5.83 -23.45
N MET B 78 15.69 6.55 -23.10
CA MET B 78 15.82 7.74 -22.29
C MET B 78 16.44 7.46 -20.94
N PHE B 79 16.17 6.29 -20.37
CA PHE B 79 16.71 5.97 -19.04
C PHE B 79 18.23 5.90 -19.04
N GLU B 80 18.85 5.70 -20.21
CA GLU B 80 20.34 5.68 -20.31
C GLU B 80 20.96 7.04 -19.99
N GLU B 81 20.15 8.09 -20.00
CA GLU B 81 20.60 9.43 -19.63
C GLU B 81 20.78 9.60 -18.11
N LEU B 82 20.46 8.55 -17.33
CA LEU B 82 20.76 8.49 -15.90
C LEU B 82 22.14 9.03 -15.59
N TYR B 83 23.13 8.55 -16.32
CA TYR B 83 24.52 8.85 -16.04
C TYR B 83 24.82 10.33 -16.27
N ASP B 84 24.42 10.84 -17.42
CA ASP B 84 24.61 12.25 -17.71
C ASP B 84 23.87 13.16 -16.75
N GLU B 85 22.67 12.74 -16.34
CA GLU B 85 21.86 13.52 -15.40
C GLU B 85 22.42 13.57 -13.96
N PHE B 86 22.97 12.47 -13.46
CA PHE B 86 23.32 12.35 -12.01
C PHE B 86 24.82 12.18 -11.63
N SER B 87 25.65 11.77 -12.58
CA SER B 87 27.11 11.62 -12.37
C SER B 87 27.82 12.71 -11.57
N ARG B 88 27.49 13.97 -11.85
CA ARG B 88 28.17 15.11 -11.25
C ARG B 88 27.24 15.92 -10.34
N SER B 89 26.11 15.34 -9.97
CA SER B 89 25.05 16.06 -9.28
C SER B 89 25.25 16.20 -7.79
N GLY B 90 26.18 15.46 -7.22
CA GLY B 90 26.35 15.41 -5.76
C GLY B 90 25.44 14.40 -5.05
N VAL B 91 24.49 13.82 -5.77
CA VAL B 91 23.56 12.81 -5.24
C VAL B 91 24.15 11.39 -5.32
N ARG B 92 23.93 10.59 -4.27
CA ARG B 92 24.28 9.15 -4.29
C ARG B 92 23.07 8.40 -4.85
N VAL B 93 23.27 7.71 -5.97
CA VAL B 93 22.18 7.10 -6.73
C VAL B 93 22.26 5.58 -6.65
N SER B 94 21.12 4.95 -6.35
CA SER B 94 20.93 3.51 -6.40
C SER B 94 19.70 3.19 -7.23
N ILE B 95 19.70 2.04 -7.92
CA ILE B 95 18.51 1.56 -8.60
C ILE B 95 17.97 0.33 -7.87
N ILE B 96 16.65 0.25 -7.74
CA ILE B 96 16.01 -0.99 -7.31
C ILE B 96 15.04 -1.43 -8.41
N GLY B 97 14.79 -2.74 -8.43
CA GLY B 97 13.97 -3.37 -9.45
C GLY B 97 14.76 -4.50 -10.10
N CYS B 98 14.09 -5.20 -10.99
CA CYS B 98 14.66 -6.32 -11.72
C CYS B 98 15.54 -5.82 -12.87
N LYS B 99 16.80 -5.57 -12.54
CA LYS B 99 17.79 -5.04 -13.48
C LYS B 99 18.09 -6.00 -14.64
N THR B 100 18.09 -7.30 -14.33
CA THR B 100 18.49 -8.33 -15.30
C THR B 100 17.60 -8.37 -16.54
N ASP B 101 16.35 -7.92 -16.42
CA ASP B 101 15.42 -7.90 -17.55
C ASP B 101 15.42 -6.59 -18.35
N LEU B 102 16.32 -5.66 -18.03
CA LEU B 102 16.45 -4.43 -18.80
C LEU B 102 17.47 -4.66 -19.89
N PRO B 103 17.49 -3.81 -20.93
CA PRO B 103 18.51 -3.88 -21.97
C PRO B 103 19.92 -3.79 -21.39
N MET B 104 20.86 -4.51 -22.00
CA MET B 104 22.21 -4.60 -21.45
C MET B 104 22.90 -3.24 -21.35
N THR B 105 22.65 -2.36 -22.30
CA THR B 105 23.27 -1.04 -22.27
C THR B 105 22.75 -0.24 -21.06
N LEU B 106 21.46 -0.36 -20.75
CA LEU B 106 20.88 0.28 -19.57
C LEU B 106 21.49 -0.29 -18.28
N GLN B 107 21.66 -1.60 -18.24
CA GLN B 107 22.29 -2.23 -17.09
C GLN B 107 23.68 -1.70 -16.76
N LYS B 108 24.52 -1.50 -17.79
CA LYS B 108 25.88 -1.03 -17.56
C LYS B 108 25.89 0.46 -17.23
N CYS B 109 24.96 1.20 -17.83
CA CYS B 109 24.75 2.59 -17.49
C CYS B 109 24.31 2.78 -16.02
N ILE B 110 23.43 1.90 -15.54
CA ILE B 110 23.01 1.91 -14.14
C ILE B 110 24.19 1.60 -13.23
N ALA B 111 24.93 0.54 -13.54
CA ALA B 111 26.09 0.15 -12.74
C ALA B 111 27.11 1.27 -12.68
N LEU B 112 27.35 1.92 -13.81
CA LEU B 112 28.29 3.05 -13.84
C LEU B 112 27.81 4.23 -12.99
N THR B 113 26.52 4.56 -13.08
CA THR B 113 25.97 5.68 -12.29
C THR B 113 26.05 5.40 -10.79
N GLU B 114 25.78 4.15 -10.40
CA GLU B 114 25.89 3.72 -9.01
C GLU B 114 27.34 3.80 -8.51
N GLU B 115 28.25 3.27 -9.32
CA GLU B 115 29.68 3.26 -8.97
C GLU B 115 30.25 4.66 -8.82
N THR B 116 29.90 5.55 -9.73
CA THR B 116 30.52 6.89 -9.77
C THR B 116 29.99 7.78 -8.67
N THR B 117 28.77 7.53 -8.19
CA THR B 117 28.17 8.34 -7.13
C THR B 117 28.24 7.73 -5.72
N LYS B 118 28.85 6.56 -5.58
CA LYS B 118 28.80 5.85 -4.28
C LYS B 118 29.51 6.56 -3.12
N GLY B 119 30.42 7.48 -3.42
CA GLY B 119 31.13 8.23 -2.38
C GLY B 119 30.44 9.53 -1.98
N ASN B 120 29.39 9.91 -2.70
CA ASN B 120 28.60 11.09 -2.35
C ASN B 120 27.97 10.96 -0.95
N LYS B 121 28.16 11.98 -0.13
CA LYS B 121 27.74 11.92 1.28
C LYS B 121 26.44 12.67 1.57
N GLY B 122 25.79 13.21 0.54
CA GLY B 122 24.54 13.92 0.76
C GLY B 122 23.33 13.00 0.60
N LEU B 123 22.30 13.56 -0.01
CA LEU B 123 21.05 12.86 -0.29
C LEU B 123 21.23 11.57 -1.11
N HIS B 124 20.48 10.54 -0.70
CA HIS B 124 20.49 9.23 -1.36
C HIS B 124 19.23 9.09 -2.21
N LEU B 125 19.41 9.01 -3.52
CA LEU B 125 18.31 8.86 -4.46
C LEU B 125 18.22 7.40 -4.89
N VAL B 126 17.10 6.78 -4.58
CA VAL B 126 16.81 5.43 -5.01
C VAL B 126 15.83 5.51 -6.16
N ILE B 127 16.23 5.03 -7.33
CA ILE B 127 15.34 5.06 -8.48
C ILE B 127 14.77 3.66 -8.71
N ALA B 128 13.45 3.54 -8.66
CA ALA B 128 12.77 2.26 -8.86
C ALA B 128 12.45 2.12 -10.35
N LEU B 129 13.16 1.18 -10.98
CA LEU B 129 13.13 0.98 -12.42
C LEU B 129 12.93 -0.50 -12.70
N ASN B 130 11.82 -0.83 -13.38
CA ASN B 130 11.35 -2.21 -13.46
C ASN B 130 11.20 -2.82 -12.04
N TYR B 131 10.55 -2.04 -11.19
CA TYR B 131 10.27 -2.39 -9.80
C TYR B 131 8.76 -2.54 -9.60
N GLY B 132 8.39 -3.43 -8.69
CA GLY B 132 7.04 -3.43 -8.15
C GLY B 132 7.08 -4.00 -6.74
N GLY B 133 6.09 -3.67 -5.93
CA GLY B 133 5.95 -4.25 -4.60
C GLY B 133 5.82 -5.77 -4.59
N TYR B 134 5.03 -6.32 -5.49
CA TYR B 134 4.96 -7.78 -5.60
C TYR B 134 6.32 -8.37 -5.87
N TYR B 135 7.02 -7.78 -6.86
CA TYR B 135 8.38 -8.20 -7.20
C TYR B 135 9.30 -8.20 -5.98
N ASP B 136 9.23 -7.13 -5.19
CA ASP B 136 10.14 -6.98 -4.06
C ASP B 136 9.91 -8.07 -3.03
N ILE B 137 8.65 -8.27 -2.68
CA ILE B 137 8.24 -9.27 -1.71
C ILE B 137 8.57 -10.68 -2.22
N LEU B 138 8.35 -10.94 -3.51
CA LEU B 138 8.69 -12.26 -4.07
C LEU B 138 10.19 -12.56 -4.07
N GLN B 139 11.03 -11.60 -4.48
CA GLN B 139 12.46 -11.85 -4.49
C GLN B 139 12.95 -12.06 -3.05
N ALA B 140 12.41 -11.30 -2.10
CA ALA B 140 12.77 -11.47 -0.68
C ALA B 140 12.40 -12.90 -0.23
N THR B 141 11.22 -13.35 -0.63
CA THR B 141 10.72 -14.67 -0.22
C THR B 141 11.60 -15.78 -0.79
N LYS B 142 11.97 -15.63 -2.07
CA LYS B 142 12.89 -16.56 -2.73
C LYS B 142 14.23 -16.63 -2.01
N SER B 143 14.79 -15.47 -1.67
CA SER B 143 16.04 -15.42 -0.93
C SER B 143 15.95 -16.15 0.42
N ILE B 144 14.87 -15.93 1.16
CA ILE B 144 14.64 -16.59 2.44
C ILE B 144 14.51 -18.12 2.26
N VAL B 145 13.75 -18.54 1.24
CA VAL B 145 13.62 -19.95 0.91
C VAL B 145 15.00 -20.54 0.56
N ASN B 146 15.81 -19.84 -0.23
CA ASN B 146 17.13 -20.36 -0.56
C ASN B 146 17.99 -20.54 0.69
N LYS B 147 17.96 -19.55 1.57
CA LYS B 147 18.71 -19.61 2.82
C LYS B 147 18.23 -20.73 3.75
N ALA B 148 16.92 -20.98 3.79
CA ALA B 148 16.38 -22.04 4.62
C ALA B 148 16.80 -23.42 4.08
N MET B 149 16.79 -23.59 2.76
CA MET B 149 17.16 -24.86 2.13
C MET B 149 18.65 -25.18 2.17
N ASN B 150 19.48 -24.17 2.37
CA ASN B 150 20.92 -24.35 2.55
C ASN B 150 21.33 -24.32 4.03
N GLY B 151 20.36 -24.34 4.93
CA GLY B 151 20.63 -24.40 6.36
C GLY B 151 21.12 -23.11 7.00
N LEU B 152 20.85 -21.97 6.35
CA LEU B 152 21.36 -20.69 6.84
C LEU B 152 20.34 -19.99 7.74
N LEU B 153 19.12 -20.50 7.80
CA LEU B 153 18.15 -20.02 8.75
C LEU B 153 17.02 -21.01 8.95
N ASP B 154 16.30 -20.86 10.06
CA ASP B 154 15.12 -21.67 10.36
C ASP B 154 13.86 -20.84 10.16
N VAL B 155 12.74 -21.53 9.94
CA VAL B 155 11.43 -20.89 9.80
C VAL B 155 11.08 -20.01 11.01
N GLU B 156 11.62 -20.33 12.18
CA GLU B 156 11.40 -19.49 13.36
C GLU B 156 12.13 -18.12 13.35
N ASP B 157 13.12 -17.97 12.47
CA ASP B 157 13.83 -16.69 12.27
C ASP B 157 13.11 -15.74 11.32
N ILE B 158 12.01 -16.19 10.73
CA ILE B 158 11.31 -15.37 9.73
C ILE B 158 10.42 -14.39 10.47
N ASN B 159 10.88 -13.15 10.63
CA ASN B 159 10.09 -12.11 11.27
C ASN B 159 10.19 -10.77 10.53
N LYS B 160 9.50 -9.75 11.01
CA LYS B 160 9.49 -8.47 10.31
C LYS B 160 10.93 -7.96 10.12
N ASN B 161 11.75 -8.13 11.15
CA ASN B 161 13.11 -7.61 11.12
C ASN B 161 13.95 -8.23 10.02
N LEU B 162 13.83 -9.54 9.83
CA LEU B 162 14.54 -10.21 8.75
C LEU B 162 14.02 -9.78 7.39
N PHE B 163 12.71 -9.64 7.27
CA PHE B 163 12.11 -9.34 5.98
C PHE B 163 12.53 -7.93 5.56
N ASP B 164 12.54 -7.00 6.52
CA ASP B 164 13.05 -5.62 6.33
C ASP B 164 14.43 -5.59 5.66
N GLN B 165 15.27 -6.59 5.95
CA GLN B 165 16.64 -6.68 5.44
C GLN B 165 16.78 -7.45 4.13
N GLU B 166 15.78 -8.22 3.74
CA GLU B 166 15.80 -8.93 2.45
C GLU B 166 15.18 -8.10 1.29
N LEU B 167 14.27 -7.20 1.62
CA LEU B 167 13.65 -6.29 0.63
C LEU B 167 14.68 -5.33 0.02
N GLU B 168 14.40 -4.86 -1.20
CA GLU B 168 15.34 -3.99 -1.91
C GLU B 168 15.26 -2.59 -1.35
N SER B 169 14.05 -2.10 -1.10
CA SER B 169 13.87 -0.82 -0.45
C SER B 169 13.94 -1.07 1.05
N LYS B 170 14.92 -0.44 1.73
CA LYS B 170 15.27 -0.75 3.13
C LYS B 170 14.86 0.34 4.11
N CYS B 171 15.10 0.07 5.39
CA CYS B 171 14.90 1.06 6.45
C CYS B 171 15.92 2.20 6.35
N PRO B 172 15.51 3.42 6.75
CA PRO B 172 14.17 3.77 7.21
C PRO B 172 13.16 3.81 6.05
N ASN B 173 11.95 3.35 6.33
CA ASN B 173 10.89 3.41 5.36
C ASN B 173 10.39 4.82 5.17
N PRO B 174 9.72 5.09 4.03
CA PRO B 174 9.28 6.45 3.77
C PRO B 174 8.35 7.01 4.86
N ASP B 175 8.61 8.25 5.25
CA ASP B 175 7.75 8.98 6.19
C ASP B 175 6.54 9.51 5.45
N LEU B 176 6.77 9.83 4.17
CA LEU B 176 5.83 10.56 3.35
C LEU B 176 5.90 10.04 1.93
N LEU B 177 4.73 9.83 1.33
CA LEU B 177 4.63 9.46 -0.06
C LEU B 177 3.95 10.62 -0.76
N ILE B 178 4.59 11.10 -1.83
CA ILE B 178 4.00 12.15 -2.68
C ILE B 178 3.69 11.51 -4.02
N ARG B 179 2.43 11.59 -4.44
CA ARG B 179 2.05 11.22 -5.79
C ARG B 179 1.43 12.37 -6.57
N THR B 180 2.04 12.68 -7.72
CA THR B 180 1.56 13.75 -8.60
C THR B 180 0.56 13.15 -9.55
N GLY B 181 -0.21 14.00 -10.22
CA GLY B 181 -1.14 13.54 -11.25
C GLY B 181 -2.55 13.24 -10.77
N GLY B 182 -2.82 13.42 -9.48
CA GLY B 182 -4.19 13.36 -8.95
C GLY B 182 -4.83 12.01 -8.65
N ASP B 183 -4.21 10.91 -9.06
CA ASP B 183 -4.79 9.58 -8.82
C ASP B 183 -4.43 9.11 -7.41
N GLN B 184 -5.37 8.44 -6.75
CA GLN B 184 -5.25 8.15 -5.31
C GLN B 184 -5.08 6.64 -5.13
N ARG B 185 -3.86 6.20 -5.36
CA ARG B 185 -3.49 4.79 -5.38
C ARG B 185 -1.96 4.71 -5.28
N VAL B 186 -1.44 3.54 -4.93
CA VAL B 186 0.01 3.34 -4.83
C VAL B 186 0.57 2.56 -6.04
N SER B 187 -0.30 1.98 -6.87
CA SER B 187 0.13 1.33 -8.11
C SER B 187 1.36 0.43 -7.99
N ASN B 188 1.33 -0.50 -7.03
CA ASN B 188 2.36 -1.52 -6.89
C ASN B 188 3.75 -0.92 -6.70
N PHE B 189 3.85 0.15 -5.94
CA PHE B 189 5.12 0.74 -5.54
C PHE B 189 5.59 0.00 -4.26
N LEU B 190 6.09 0.70 -3.25
CA LEU B 190 6.74 0.08 -2.10
C LEU B 190 5.76 -0.45 -1.03
N LEU B 191 5.00 -1.48 -1.38
CA LEU B 191 3.85 -1.93 -0.58
C LEU B 191 4.16 -2.22 0.90
N TRP B 192 5.14 -3.08 1.16
CA TRP B 192 5.54 -3.37 2.55
C TRP B 192 5.99 -2.12 3.24
N GLN B 193 6.78 -1.34 2.53
CA GLN B 193 7.51 -0.21 3.09
C GLN B 193 6.57 0.97 3.36
N LEU B 194 5.39 0.96 2.74
CA LEU B 194 4.45 2.04 2.91
C LEU B 194 3.45 1.81 4.01
N ALA B 195 3.65 0.77 4.84
CA ALA B 195 2.65 0.39 5.86
C ALA B 195 2.19 1.50 6.81
N TYR B 196 3.08 2.42 7.20
CA TYR B 196 2.74 3.57 8.06
C TYR B 196 3.01 4.93 7.46
N THR B 197 3.37 4.97 6.18
CA THR B 197 3.67 6.20 5.47
C THR B 197 2.44 7.10 5.35
N GLU B 198 2.63 8.40 5.55
CA GLU B 198 1.60 9.36 5.26
C GLU B 198 1.55 9.63 3.75
N PHE B 199 0.34 9.62 3.19
CA PHE B 199 0.14 9.79 1.75
C PHE B 199 -0.28 11.22 1.42
N TYR B 200 0.38 11.80 0.44
CA TYR B 200 0.00 13.10 -0.06
C TYR B 200 -0.26 12.97 -1.56
N PHE B 201 -1.47 13.26 -1.96
CA PHE B 201 -1.84 13.15 -3.36
C PHE B 201 -2.13 14.55 -3.87
N THR B 202 -1.51 14.94 -4.98
CA THR B 202 -1.71 16.28 -5.57
C THR B 202 -2.14 16.16 -7.03
N LYS B 203 -3.01 17.07 -7.46
CA LYS B 203 -3.48 17.11 -8.85
C LYS B 203 -2.35 17.62 -9.77
N THR B 204 -1.44 18.40 -9.22
CA THR B 204 -0.28 18.89 -9.96
C THR B 204 0.42 17.74 -10.68
N LEU B 205 0.65 17.94 -11.99
CA LEU B 205 1.30 16.93 -12.84
C LEU B 205 2.82 17.00 -12.64
N PHE B 206 3.52 15.89 -12.83
CA PHE B 206 4.90 15.82 -12.39
C PHE B 206 5.81 16.91 -12.99
N PRO B 207 5.72 17.19 -14.30
CA PRO B 207 6.58 18.26 -14.87
C PRO B 207 6.34 19.65 -14.26
N ASP B 208 5.15 19.86 -13.69
CA ASP B 208 4.82 21.12 -13.00
C ASP B 208 5.10 21.12 -11.50
N PHE B 209 5.63 20.03 -10.95
CA PHE B 209 5.82 19.90 -9.50
C PHE B 209 7.00 20.74 -9.00
N GLY B 210 6.79 21.52 -7.94
CA GLY B 210 7.78 22.49 -7.49
C GLY B 210 7.99 22.57 -5.99
N GLU B 211 8.85 23.52 -5.59
CA GLU B 211 9.24 23.69 -4.20
C GLU B 211 8.05 23.92 -3.24
N GLU B 212 7.02 24.62 -3.71
CA GLU B 212 5.82 24.89 -2.89
C GLU B 212 4.98 23.63 -2.69
N ASP B 213 4.91 22.79 -3.72
CA ASP B 213 4.18 21.52 -3.62
C ASP B 213 4.88 20.56 -2.65
N LEU B 214 6.21 20.62 -2.62
CA LEU B 214 6.99 19.80 -1.69
C LEU B 214 6.84 20.26 -0.24
N LYS B 215 6.82 21.58 -0.01
CA LYS B 215 6.66 22.10 1.35
C LYS B 215 5.27 21.81 1.89
N GLU B 216 4.27 21.87 1.02
CA GLU B 216 2.88 21.56 1.39
C GLU B 216 2.78 20.13 1.88
N ALA B 217 3.37 19.20 1.13
CA ALA B 217 3.40 17.79 1.53
C ALA B 217 4.02 17.58 2.90
N ILE B 218 5.13 18.28 3.14
CA ILE B 218 5.89 18.16 4.38
C ILE B 218 5.09 18.70 5.58
N ILE B 219 4.36 19.81 5.39
CA ILE B 219 3.44 20.30 6.42
C ILE B 219 2.43 19.21 6.83
N ASN B 220 1.81 18.57 5.85
CA ASN B 220 0.84 17.51 6.12
C ASN B 220 1.44 16.37 6.94
N PHE B 221 2.63 15.93 6.53
CA PHE B 221 3.39 14.96 7.31
C PHE B 221 3.49 15.43 8.77
N GLN B 222 3.93 16.67 8.95
CA GLN B 222 4.14 17.19 10.29
C GLN B 222 2.83 17.27 11.11
N GLN B 223 1.76 17.70 10.48
CA GLN B 223 0.46 17.82 11.17
C GLN B 223 -0.18 16.43 11.39
N ARG B 224 0.29 15.45 10.61
CA ARG B 224 0.59 14.06 11.04
C ARG B 224 -0.56 13.10 11.22
P11 IPR C . -2.56 4.46 13.11
O14 IPR C . -1.39 4.54 12.19
O12 IPR C . -3.46 5.59 12.86
O13 IPR C . -2.08 4.47 14.52
O10 IPR C . -3.35 3.11 12.80
P7 IPR C . -4.24 2.56 14.02
O8 IPR C . -3.39 1.75 14.93
O9 IPR C . -4.88 3.67 14.77
O6 IPR C . -5.39 1.66 13.33
C5 IPR C . -6.12 2.36 12.36
C4 IPR C . -7.26 1.51 11.88
C2 IPR C . -7.81 0.74 13.07
C1 IPR C . -8.71 1.48 14.08
C3 IPR C . -7.53 -0.75 13.22
MG MG D . 0.32 7.44 -14.88
CAA O4B E . 15.71 -15.59 -9.42
OAM O4B E . 14.70 -14.78 -8.74
CAC O4B E . 14.89 -13.44 -9.10
CAD O4B E . 14.03 -12.64 -8.15
OAO O4B E . 12.67 -12.95 -8.40
CAG O4B E . 11.89 -11.85 -8.64
CAH O4B E . 10.52 -12.33 -8.26
OAQ O4B E . 9.97 -13.13 -9.33
CAK O4B E . 9.10 -14.04 -8.80
CAL O4B E . 8.42 -14.73 -9.96
OAR O4B E . 9.39 -15.74 -10.47
CAJ O4B E . 8.92 -17.06 -10.49
CAI O4B E . 9.89 -17.81 -11.39
OAP O4B E . 11.09 -18.09 -10.62
CAF O4B E . 12.30 -17.83 -11.33
CAE O4B E . 13.40 -18.43 -10.44
OAN O4B E . 13.98 -17.37 -9.60
CAB O4B E . 15.03 -16.68 -10.27
CAA O4B F . 29.37 -4.44 -13.71
OAM O4B F . 28.16 -4.77 -14.41
CAC O4B F . 27.32 -5.52 -13.56
CAD O4B F . 25.98 -5.53 -14.28
OAO O4B F . 26.19 -5.97 -15.64
CAG O4B F . 25.06 -6.56 -16.23
CAH O4B F . 25.46 -8.03 -16.41
OAQ O4B F . 26.32 -8.19 -17.58
CAK O4B F . 26.90 -9.48 -17.52
CAL O4B F . 28.03 -9.49 -18.53
OAR O4B F . 28.82 -8.27 -18.48
CAJ O4B F . 29.90 -8.39 -19.38
CAI O4B F . 31.09 -7.69 -18.72
OAP O4B F . 30.74 -6.43 -18.10
CAF O4B F . 31.90 -5.90 -17.52
CAE O4B F . 31.50 -4.59 -16.84
OAN O4B F . 30.28 -4.75 -16.05
CAB O4B F . 30.57 -4.63 -14.64
P11 IPR G . 0.31 9.66 -17.25
O14 IPR G . -0.24 11.00 -17.66
O12 IPR G . -0.16 8.62 -18.16
O13 IPR G . -0.20 9.39 -15.88
O10 IPR G . 1.93 9.79 -17.23
P7 IPR G . 2.82 8.45 -16.90
O8 IPR G . 3.40 7.88 -18.13
O9 IPR G . 2.00 7.37 -16.25
O6 IPR G . 4.02 8.90 -16.03
C5 IPR G . 4.45 8.13 -14.92
C4 IPR G . 4.93 6.77 -15.40
C2 IPR G . 6.41 6.94 -15.84
C1 IPR G . 7.41 7.85 -15.11
C3 IPR G . 6.91 6.13 -17.03
P11 IPR H . -1.58 3.86 -12.76
O14 IPR H . -2.27 5.19 -12.86
O12 IPR H . -1.75 3.11 -14.02
O13 IPR H . -2.20 3.08 -11.64
O10 IPR H . -0.02 4.03 -12.30
P7 IPR H . 1.19 4.48 -13.32
O8 IPR H . 0.74 5.49 -14.32
O9 IPR H . 1.79 3.30 -13.99
O6 IPR H . 2.31 5.22 -12.38
C5 IPR H . 3.06 4.55 -11.39
C4 IPR H . 4.26 3.99 -12.11
C2 IPR H . 5.35 5.07 -12.25
C1 IPR H . 6.72 4.62 -12.74
C3 IPR H . 5.16 6.55 -11.89
#